data_5LGA
#
_entry.id   5LGA
#
_cell.length_a   65.860
_cell.length_b   65.860
_cell.length_c   263.830
_cell.angle_alpha   90.00
_cell.angle_beta   90.00
_cell.angle_gamma   120.00
#
_symmetry.space_group_name_H-M   'P 65 2 2'
#
loop_
_entity.id
_entity.type
_entity.pdbx_description
1 polymer 'Vitamin D3 receptor A'
2 polymer SRC-2
3 non-polymer (1~{R},3~{S},5~{Z})-5-[2-[(1~{R},3~{a}~{S},7~{a}~{R})-7~{a}-methyl-1-[(6~{R})-1,1,1-tris(fluoranyl)-10-methyl-2,10-bis(oxidanyl)-2-(trifluoromethyl)undeca-3,8-diyn-6-yl]-2,3,3~{a},5,6,7-hexahydro-1~{H}-inden-4-ylidene]ethylidene]-4-methylidene-cyclohexane-1,3-diol
4 water water
#
loop_
_entity_poly.entity_id
_entity_poly.type
_entity_poly.pdbx_seq_one_letter_code
_entity_poly.pdbx_strand_id
1 'polypeptide(L)'
;HMLSDEQMQIINSLVEAHHKTYDDSYSDFVRFRPPVREGPVTRSASRAASLHSLSDASSDSFNHSPESVDTKLNFSNLLM
MYQDSGSPDSSEEDQQSRLSMLPHLADLVSYSIQKVIGFAKMIPGFRDLTAEDQIALLKSSAIEIIMLRSNQSFSLEDMS
WSCGGPDFKYCINDVTKAGHTLELLEPLVKFQVGLKKLKLHEEEHVLLMAICLLSPDRPGVQDHVRIEALQDRLCDVLQA
YIRIQHPGGRLLYAKMIQKLADLRSLNEEHSKQYRSLSFQPEHSMQLTPLVLEVFGSEVS
;
A
2 'polypeptide(L)' KHKILHRLLQDSS B
#
loop_
_chem_comp.id
_chem_comp.type
_chem_comp.name
_chem_comp.formula
6VH non-polymer (1~{R},3~{S},5~{Z})-5-[2-[(1~{R},3~{a}~{S},7~{a}~{R})-7~{a}-methyl-1-[(6~{R})-1,1,1-tris(fluoranyl)-10-methyl-2,10-bis(oxidanyl)-2-(trifluoromethyl)undeca-3,8-diyn-6-yl]-2,3,3~{a},5,6,7-hexahydro-1~{H}-inden-4-ylidene]ethylidene]-4-methylidene-cyclohexane-1,3-diol 'C32 H40 F6 O4'
#
# COMPACT_ATOMS: atom_id res chain seq x y z
N HIS A 1 -12.68 27.01 4.74
CA HIS A 1 -11.67 27.79 5.45
C HIS A 1 -11.28 27.20 6.81
N MET A 2 -12.01 26.16 7.28
CA MET A 2 -11.78 25.47 8.55
C MET A 2 -12.35 24.06 8.50
N LEU A 3 -11.55 23.04 8.92
CA LEU A 3 -11.99 21.64 8.95
C LEU A 3 -12.98 21.42 10.08
N SER A 4 -14.03 20.64 9.83
CA SER A 4 -15.06 20.35 10.82
C SER A 4 -14.54 19.38 11.88
N ASP A 5 -15.24 19.29 13.03
CA ASP A 5 -14.92 18.39 14.15
C ASP A 5 -14.87 16.93 13.72
N GLU A 6 -15.71 16.56 12.74
CA GLU A 6 -15.79 15.19 12.20
C GLU A 6 -14.68 14.90 11.19
N GLN A 7 -14.23 15.93 10.42
CA GLN A 7 -13.12 15.81 9.46
C GLN A 7 -11.84 15.62 10.25
N MET A 8 -11.78 16.28 11.44
CA MET A 8 -10.65 16.20 12.33
C MET A 8 -10.54 14.80 12.96
N GLN A 9 -11.66 14.26 13.48
CA GLN A 9 -11.63 12.92 14.09
C GLN A 9 -11.34 11.83 13.07
N ILE A 10 -11.60 12.09 11.77
CA ILE A 10 -11.22 11.13 10.72
C ILE A 10 -9.70 11.16 10.55
N ILE A 11 -9.07 12.36 10.54
CA ILE A 11 -7.61 12.52 10.48
C ILE A 11 -6.93 11.80 11.67
N ASN A 12 -7.44 12.06 12.90
CA ASN A 12 -6.99 11.47 14.15
C ASN A 12 -6.92 9.97 14.15
N SER A 13 -8.05 9.30 13.92
CA SER A 13 -8.13 7.83 13.91
C SER A 13 -7.29 7.19 12.81
N LEU A 14 -7.08 7.90 11.71
CA LEU A 14 -6.30 7.46 10.57
C LEU A 14 -4.81 7.55 10.84
N VAL A 15 -4.31 8.69 11.40
CA VAL A 15 -2.89 8.82 11.77
C VAL A 15 -2.55 7.85 12.91
N GLU A 16 -3.47 7.69 13.89
CA GLU A 16 -3.27 6.74 14.99
C GLU A 16 -3.18 5.33 14.44
N ALA A 17 -4.07 4.98 13.47
CA ALA A 17 -4.10 3.68 12.78
C ALA A 17 -2.80 3.41 12.04
N HIS A 18 -2.20 4.45 11.43
CA HIS A 18 -0.94 4.31 10.70
C HIS A 18 0.19 4.15 11.69
N HIS A 19 0.12 4.89 12.80
CA HIS A 19 1.13 4.78 13.86
C HIS A 19 1.20 3.40 14.46
N LYS A 20 0.06 2.69 14.57
CA LYS A 20 -0.02 1.34 15.16
C LYS A 20 0.41 0.22 14.21
N THR A 21 0.42 0.47 12.88
CA THR A 21 0.73 -0.50 11.82
C THR A 21 2.03 -0.16 11.00
N TYR A 22 2.77 0.90 11.36
CA TYR A 22 4.02 1.24 10.67
C TYR A 22 5.15 1.52 11.66
N ASP A 23 6.18 0.66 11.65
CA ASP A 23 7.33 0.78 12.55
C ASP A 23 8.54 1.38 11.82
N ASP A 24 8.88 2.66 12.14
CA ASP A 24 10.00 3.39 11.55
C ASP A 24 11.38 2.81 11.85
N SER A 25 11.48 1.88 12.83
CA SER A 25 12.74 1.24 13.17
C SER A 25 12.92 -0.02 12.33
N TYR A 26 11.82 -0.57 11.77
CA TYR A 26 11.82 -1.80 10.98
C TYR A 26 12.45 -2.97 11.76
N SER A 27 12.09 -3.10 13.06
CA SER A 27 12.59 -4.13 13.99
C SER A 27 12.22 -5.54 13.58
N ASP A 28 10.96 -5.76 13.20
CA ASP A 28 10.42 -7.06 12.80
C ASP A 28 11.11 -7.68 11.58
N PHE A 29 11.86 -6.87 10.81
CA PHE A 29 12.57 -7.31 9.60
C PHE A 29 13.56 -8.44 9.86
N VAL A 30 14.05 -8.58 11.11
CA VAL A 30 14.98 -9.64 11.51
C VAL A 30 14.28 -11.02 11.60
N ARG A 31 12.93 -11.05 11.69
CA ARG A 31 12.16 -12.28 11.80
C ARG A 31 11.91 -12.89 10.40
N PHE A 32 12.21 -12.11 9.34
CA PHE A 32 12.03 -12.59 7.97
C PHE A 32 13.18 -13.53 7.57
N ARG A 33 12.98 -14.30 6.46
CA ARG A 33 14.02 -15.14 5.86
C ARG A 33 15.07 -14.11 5.39
N PRO A 34 16.36 -14.35 5.60
CA PRO A 34 17.34 -13.30 5.31
C PRO A 34 17.46 -12.87 3.86
N PRO A 35 17.85 -11.62 3.62
CA PRO A 35 18.12 -11.20 2.23
C PRO A 35 19.40 -11.88 1.73
N VAL A 36 19.45 -12.23 0.43
CA VAL A 36 20.63 -12.85 -0.20
C VAL A 36 20.93 -12.12 -1.53
N ARG A 37 22.15 -11.57 -1.67
CA ARG A 37 22.59 -10.88 -2.87
C ARG A 37 23.90 -11.45 -3.37
N LEU A 99 16.28 -17.07 -7.52
CA LEU A 99 15.86 -15.74 -7.11
C LEU A 99 16.11 -15.57 -5.61
N SER A 100 17.36 -15.25 -5.26
CA SER A 100 17.85 -15.16 -3.87
C SER A 100 17.16 -14.13 -3.00
N MET A 101 16.59 -13.08 -3.59
CA MET A 101 15.91 -12.07 -2.81
C MET A 101 14.44 -12.39 -2.56
N LEU A 102 13.85 -13.26 -3.40
CA LEU A 102 12.45 -13.71 -3.29
C LEU A 102 12.01 -14.15 -1.86
N PRO A 103 12.72 -15.01 -1.09
CA PRO A 103 12.18 -15.37 0.23
C PRO A 103 12.08 -14.20 1.18
N HIS A 104 13.06 -13.30 1.15
CA HIS A 104 13.03 -12.12 2.02
C HIS A 104 11.95 -11.16 1.58
N LEU A 105 11.83 -10.93 0.26
CA LEU A 105 10.87 -9.98 -0.23
C LEU A 105 9.46 -10.47 -0.12
N ALA A 106 9.24 -11.78 -0.24
CA ALA A 106 7.90 -12.36 -0.05
C ALA A 106 7.57 -12.23 1.46
N ASP A 107 8.56 -12.39 2.37
CA ASP A 107 8.34 -12.27 3.82
C ASP A 107 8.01 -10.83 4.17
N LEU A 108 8.67 -9.89 3.50
CA LEU A 108 8.45 -8.47 3.63
C LEU A 108 7.02 -8.06 3.16
N VAL A 109 6.62 -8.48 1.96
CA VAL A 109 5.30 -8.18 1.39
C VAL A 109 4.18 -8.78 2.28
N SER A 110 4.39 -10.00 2.82
CA SER A 110 3.44 -10.72 3.69
C SER A 110 3.20 -9.96 5.01
N TYR A 111 4.32 -9.55 5.64
CA TYR A 111 4.29 -8.78 6.85
C TYR A 111 3.53 -7.44 6.57
N SER A 112 3.80 -6.79 5.42
CA SER A 112 3.15 -5.53 5.04
C SER A 112 1.66 -5.70 4.76
N ILE A 113 1.24 -6.83 4.14
CA ILE A 113 -0.19 -7.12 3.93
C ILE A 113 -0.91 -7.15 5.32
N GLN A 114 -0.22 -7.70 6.33
CA GLN A 114 -0.76 -7.79 7.67
C GLN A 114 -1.03 -6.45 8.25
N LYS A 115 -0.09 -5.52 8.05
CA LYS A 115 -0.17 -4.14 8.53
C LYS A 115 -1.23 -3.33 7.76
N VAL A 116 -1.34 -3.53 6.44
CA VAL A 116 -2.35 -2.92 5.56
C VAL A 116 -3.75 -3.35 6.04
N ILE A 117 -3.90 -4.62 6.45
CA ILE A 117 -5.15 -5.20 7.00
C ILE A 117 -5.48 -4.52 8.32
N GLY A 118 -4.47 -4.41 9.22
CA GLY A 118 -4.60 -3.75 10.51
C GLY A 118 -5.06 -2.31 10.36
N PHE A 119 -4.47 -1.58 9.39
CA PHE A 119 -4.75 -0.20 9.03
C PHE A 119 -6.16 -0.04 8.49
N ALA A 120 -6.49 -0.83 7.44
CA ALA A 120 -7.81 -0.89 6.79
C ALA A 120 -8.92 -1.01 7.82
N LYS A 121 -8.77 -1.93 8.80
CA LYS A 121 -9.75 -2.21 9.86
C LYS A 121 -10.09 -1.00 10.71
N MET A 122 -9.18 -0.01 10.73
CA MET A 122 -9.28 1.20 11.53
C MET A 122 -9.76 2.41 10.72
N ILE A 123 -9.87 2.25 9.39
CA ILE A 123 -10.42 3.30 8.50
C ILE A 123 -11.91 3.41 8.85
N PRO A 124 -12.39 4.61 9.29
CA PRO A 124 -13.81 4.76 9.63
C PRO A 124 -14.76 4.30 8.51
N GLY A 125 -15.60 3.33 8.82
CA GLY A 125 -16.54 2.81 7.83
C GLY A 125 -16.15 1.53 7.14
N PHE A 126 -14.84 1.21 7.07
CA PHE A 126 -14.37 -0.03 6.44
C PHE A 126 -14.98 -1.21 7.18
N ARG A 127 -14.91 -1.21 8.53
CA ARG A 127 -15.46 -2.25 9.41
C ARG A 127 -16.94 -2.54 9.17
N ASP A 128 -17.74 -1.50 8.83
CA ASP A 128 -19.19 -1.62 8.58
C ASP A 128 -19.52 -2.44 7.33
N LEU A 129 -18.64 -2.39 6.31
CA LEU A 129 -18.74 -3.12 5.05
C LEU A 129 -18.88 -4.62 5.28
N THR A 130 -19.38 -5.34 4.27
CA THR A 130 -19.49 -6.80 4.37
C THR A 130 -18.08 -7.38 4.28
N ALA A 131 -17.90 -8.56 4.88
CA ALA A 131 -16.65 -9.30 4.87
C ALA A 131 -16.13 -9.43 3.44
N GLU A 132 -17.04 -9.65 2.49
CA GLU A 132 -16.79 -9.82 1.06
C GLU A 132 -16.14 -8.58 0.46
N ASP A 133 -16.74 -7.39 0.68
CA ASP A 133 -16.21 -6.12 0.18
C ASP A 133 -14.92 -5.76 0.85
N GLN A 134 -14.80 -6.05 2.16
CA GLN A 134 -13.56 -5.83 2.90
C GLN A 134 -12.43 -6.61 2.18
N ILE A 135 -12.72 -7.87 1.76
CA ILE A 135 -11.78 -8.75 1.04
C ILE A 135 -11.49 -8.24 -0.40
N ALA A 136 -12.55 -7.96 -1.20
CA ALA A 136 -12.44 -7.46 -2.58
C ALA A 136 -11.54 -6.24 -2.67
N LEU A 137 -11.69 -5.32 -1.70
CA LEU A 137 -10.88 -4.10 -1.63
C LEU A 137 -9.47 -4.37 -1.19
N LEU A 138 -9.28 -5.22 -0.17
CA LEU A 138 -7.94 -5.54 0.29
C LEU A 138 -7.13 -6.30 -0.75
N LYS A 139 -7.79 -7.21 -1.49
CA LYS A 139 -7.12 -7.99 -2.53
C LYS A 139 -6.59 -7.09 -3.65
N SER A 140 -7.46 -6.26 -4.23
CA SER A 140 -7.14 -5.33 -5.32
C SER A 140 -6.17 -4.19 -4.94
N SER A 141 -6.32 -3.62 -3.75
CA SER A 141 -5.51 -2.47 -3.37
C SER A 141 -4.24 -2.78 -2.59
N ALA A 142 -4.09 -4.03 -2.06
CA ALA A 142 -2.94 -4.44 -1.26
C ALA A 142 -1.60 -3.95 -1.78
N ILE A 143 -1.27 -4.28 -3.05
CA ILE A 143 0.01 -3.90 -3.66
C ILE A 143 0.19 -2.38 -3.74
N GLU A 144 -0.91 -1.66 -4.01
CA GLU A 144 -0.93 -0.21 -4.13
C GLU A 144 -0.67 0.44 -2.78
N ILE A 145 -1.33 -0.07 -1.71
CA ILE A 145 -1.11 0.45 -0.36
C ILE A 145 0.34 0.22 0.05
N ILE A 146 0.90 -0.96 -0.30
CA ILE A 146 2.27 -1.34 -0.05
C ILE A 146 3.23 -0.35 -0.71
N MET A 147 3.05 -0.09 -2.02
CA MET A 147 3.85 0.87 -2.77
C MET A 147 3.74 2.27 -2.17
N LEU A 148 2.54 2.68 -1.71
CA LEU A 148 2.37 4.00 -1.10
C LEU A 148 3.11 4.07 0.24
N ARG A 149 2.86 3.10 1.12
CA ARG A 149 3.43 3.08 2.45
C ARG A 149 4.96 2.96 2.42
N SER A 150 5.50 2.31 1.36
CA SER A 150 6.94 2.13 1.16
C SER A 150 7.70 3.45 0.98
N ASN A 151 7.01 4.48 0.52
CA ASN A 151 7.60 5.77 0.27
C ASN A 151 8.21 6.35 1.52
N GLN A 152 7.67 5.99 2.66
CA GLN A 152 8.16 6.44 3.92
C GLN A 152 9.56 5.94 4.22
N SER A 153 10.10 5.09 3.36
CA SER A 153 11.38 4.48 3.65
C SER A 153 12.29 4.72 2.49
N PHE A 154 11.70 5.09 1.39
CA PHE A 154 12.43 5.44 0.17
C PHE A 154 13.26 6.73 0.34
N SER A 155 14.54 6.70 -0.07
CA SER A 155 15.42 7.89 -0.05
C SER A 155 15.86 8.34 -1.42
N LEU A 156 15.85 9.65 -1.63
CA LEU A 156 16.24 10.28 -2.89
C LEU A 156 17.77 10.30 -3.01
N GLU A 157 18.47 10.39 -1.86
CA GLU A 157 19.93 10.40 -1.80
C GLU A 157 20.57 9.05 -2.21
N ASP A 158 19.80 7.93 -2.08
CA ASP A 158 20.28 6.57 -2.42
C ASP A 158 19.52 5.89 -3.57
N MET A 159 18.27 6.35 -3.88
CA MET A 159 17.35 5.78 -4.88
C MET A 159 16.96 4.35 -4.49
N SER A 160 16.90 4.13 -3.16
CA SER A 160 16.58 2.85 -2.54
C SER A 160 15.62 3.05 -1.35
N TRP A 161 15.04 1.93 -0.89
CA TRP A 161 14.16 1.84 0.26
C TRP A 161 15.10 1.47 1.43
N SER A 162 15.46 2.44 2.29
CA SER A 162 16.40 2.20 3.40
C SER A 162 15.69 1.86 4.71
N CYS A 163 15.76 0.56 5.13
CA CYS A 163 15.06 0.11 6.34
C CYS A 163 15.95 -0.27 7.55
N GLY A 164 16.49 0.73 8.26
CA GLY A 164 17.31 0.53 9.45
C GLY A 164 18.32 -0.61 9.35
N GLY A 165 19.31 -0.45 8.45
CA GLY A 165 20.35 -1.45 8.23
C GLY A 165 20.87 -1.60 6.81
N PRO A 166 22.18 -1.95 6.65
CA PRO A 166 22.74 -2.19 5.30
C PRO A 166 22.18 -3.45 4.63
N ASP A 167 21.61 -4.39 5.42
CA ASP A 167 20.97 -5.61 4.90
C ASP A 167 19.52 -5.37 4.52
N PHE A 168 18.84 -4.37 5.16
CA PHE A 168 17.46 -4.02 4.81
C PHE A 168 17.41 -2.73 3.95
N LYS A 169 18.44 -2.55 3.12
CA LYS A 169 18.53 -1.44 2.17
C LYS A 169 18.25 -2.09 0.83
N TYR A 170 17.07 -1.84 0.27
CA TYR A 170 16.67 -2.45 -0.99
C TYR A 170 16.90 -1.52 -2.17
N CYS A 171 17.95 -1.80 -2.97
CA CYS A 171 18.23 -1.03 -4.18
C CYS A 171 17.64 -1.78 -5.39
N ILE A 172 17.56 -1.14 -6.55
CA ILE A 172 16.98 -1.70 -7.79
C ILE A 172 17.51 -3.14 -8.10
N ASN A 173 18.86 -3.32 -8.09
CA ASN A 173 19.55 -4.59 -8.36
C ASN A 173 19.12 -5.76 -7.44
N ASP A 174 18.75 -5.46 -6.17
CA ASP A 174 18.28 -6.43 -5.17
C ASP A 174 16.87 -6.91 -5.52
N VAL A 175 15.99 -5.99 -5.97
CA VAL A 175 14.62 -6.32 -6.37
C VAL A 175 14.64 -7.19 -7.67
N THR A 176 15.69 -7.04 -8.52
CA THR A 176 15.90 -7.82 -9.75
C THR A 176 16.08 -9.34 -9.47
N LYS A 177 16.75 -9.67 -8.34
CA LYS A 177 17.01 -11.04 -7.90
C LYS A 177 15.82 -11.66 -7.12
N ALA A 178 14.58 -11.20 -7.44
CA ALA A 178 13.31 -11.68 -6.88
C ALA A 178 12.28 -12.00 -7.99
N GLY A 179 12.80 -12.22 -9.20
CA GLY A 179 12.01 -12.60 -10.35
C GLY A 179 11.72 -11.49 -11.34
N HIS A 180 11.96 -10.27 -10.94
CA HIS A 180 11.49 -9.14 -11.71
C HIS A 180 12.51 -8.56 -12.62
N THR A 181 12.04 -7.82 -13.63
CA THR A 181 12.89 -7.28 -14.70
C THR A 181 13.11 -5.79 -14.57
N LEU A 182 14.37 -5.38 -14.65
CA LEU A 182 14.77 -3.97 -14.47
C LEU A 182 13.90 -2.98 -15.25
N GLU A 183 13.35 -3.42 -16.40
CA GLU A 183 12.47 -2.64 -17.29
C GLU A 183 11.13 -2.28 -16.62
N LEU A 184 10.62 -3.17 -15.75
CA LEU A 184 9.38 -3.01 -15.01
C LEU A 184 9.59 -2.38 -13.61
N LEU A 185 10.86 -2.25 -13.19
CA LEU A 185 11.28 -1.64 -11.93
C LEU A 185 11.41 -0.13 -12.07
N GLU A 186 11.79 0.37 -13.29
CA GLU A 186 11.94 1.81 -13.55
C GLU A 186 10.64 2.60 -13.28
N PRO A 187 9.40 2.17 -13.67
CA PRO A 187 8.22 2.98 -13.30
C PRO A 187 7.97 3.07 -11.79
N LEU A 188 8.38 2.04 -11.02
CA LEU A 188 8.21 2.03 -9.56
C LEU A 188 9.09 3.06 -8.89
N VAL A 189 10.39 3.09 -9.20
CA VAL A 189 11.32 4.04 -8.60
C VAL A 189 10.96 5.44 -9.06
N LYS A 190 10.51 5.58 -10.33
CA LYS A 190 10.04 6.85 -10.93
C LYS A 190 8.79 7.33 -10.17
N PHE A 191 7.91 6.39 -9.78
CA PHE A 191 6.72 6.73 -9.00
C PHE A 191 7.13 7.18 -7.58
N GLN A 192 8.13 6.48 -6.98
CA GLN A 192 8.67 6.76 -5.66
C GLN A 192 9.39 8.12 -5.61
N VAL A 193 10.05 8.56 -6.71
CA VAL A 193 10.73 9.86 -6.73
C VAL A 193 9.66 10.97 -6.68
N GLY A 194 8.62 10.85 -7.52
CA GLY A 194 7.51 11.80 -7.61
C GLY A 194 6.78 11.97 -6.30
N LEU A 195 6.35 10.85 -5.68
CA LEU A 195 5.65 10.82 -4.40
C LEU A 195 6.41 11.54 -3.33
N LYS A 196 7.73 11.25 -3.20
CA LYS A 196 8.62 11.88 -2.25
C LYS A 196 8.72 13.37 -2.53
N LYS A 197 8.85 13.77 -3.82
CA LYS A 197 8.89 15.17 -4.25
C LYS A 197 7.63 15.96 -3.87
N LEU A 198 6.49 15.27 -3.59
CA LEU A 198 5.27 15.96 -3.15
C LEU A 198 5.41 16.42 -1.70
N LYS A 199 6.42 15.87 -0.93
CA LYS A 199 6.73 16.20 0.47
C LYS A 199 5.45 16.30 1.32
N LEU A 200 4.69 15.21 1.30
CA LEU A 200 3.41 15.03 1.98
C LEU A 200 3.51 15.09 3.47
N HIS A 201 2.50 15.71 4.11
CA HIS A 201 2.36 15.70 5.56
C HIS A 201 1.84 14.29 5.89
N GLU A 202 2.06 13.85 7.13
CA GLU A 202 1.63 12.56 7.62
C GLU A 202 0.10 12.33 7.42
N GLU A 203 -0.70 13.38 7.62
CA GLU A 203 -2.17 13.41 7.45
C GLU A 203 -2.55 13.14 6.00
N GLU A 204 -1.88 13.81 5.05
CA GLU A 204 -2.09 13.66 3.61
C GLU A 204 -1.69 12.26 3.16
N HIS A 205 -0.52 11.76 3.61
CA HIS A 205 -0.01 10.42 3.26
C HIS A 205 -1.02 9.31 3.64
N VAL A 206 -1.46 9.36 4.87
CA VAL A 206 -2.41 8.44 5.46
C VAL A 206 -3.75 8.54 4.70
N LEU A 207 -4.22 9.78 4.44
CA LEU A 207 -5.43 10.05 3.69
C LEU A 207 -5.36 9.45 2.29
N LEU A 208 -4.20 9.54 1.61
CA LEU A 208 -3.96 8.95 0.29
C LEU A 208 -4.09 7.41 0.32
N MET A 209 -3.60 6.75 1.38
CA MET A 209 -3.72 5.28 1.50
C MET A 209 -5.19 4.86 1.73
N ALA A 210 -5.95 5.61 2.56
CA ALA A 210 -7.35 5.33 2.87
C ALA A 210 -8.24 5.55 1.64
N ILE A 211 -7.97 6.61 0.84
CA ILE A 211 -8.68 6.91 -0.41
C ILE A 211 -8.37 5.81 -1.43
N CYS A 212 -7.08 5.40 -1.53
CA CYS A 212 -6.63 4.35 -2.44
C CYS A 212 -7.36 3.04 -2.10
N LEU A 213 -7.36 2.64 -0.81
CA LEU A 213 -8.03 1.44 -0.32
C LEU A 213 -9.54 1.45 -0.62
N LEU A 214 -10.18 2.62 -0.43
CA LEU A 214 -11.61 2.70 -0.65
C LEU A 214 -12.04 3.02 -2.11
N SER A 215 -11.13 2.81 -3.10
CA SER A 215 -11.43 3.04 -4.52
C SER A 215 -12.56 2.13 -5.03
N PRO A 216 -13.53 2.69 -5.77
CA PRO A 216 -14.66 1.88 -6.24
C PRO A 216 -14.37 0.98 -7.44
N ASP A 217 -13.57 1.51 -8.41
CA ASP A 217 -13.19 0.83 -9.65
C ASP A 217 -12.31 -0.38 -9.35
N ARG A 218 -12.93 -1.49 -8.92
CA ARG A 218 -12.20 -2.70 -8.58
C ARG A 218 -12.92 -4.00 -8.83
N PRO A 219 -12.21 -5.05 -9.29
CA PRO A 219 -12.86 -6.36 -9.46
C PRO A 219 -13.30 -6.94 -8.12
N GLY A 220 -14.55 -7.41 -8.08
CA GLY A 220 -15.15 -8.05 -6.93
C GLY A 220 -15.98 -7.20 -6.00
N VAL A 221 -15.83 -5.86 -6.07
CA VAL A 221 -16.58 -4.97 -5.16
C VAL A 221 -18.08 -5.02 -5.51
N GLN A 222 -18.93 -5.14 -4.48
CA GLN A 222 -20.38 -5.27 -4.60
C GLN A 222 -21.13 -3.95 -4.34
N ASP A 223 -20.84 -3.32 -3.20
CA ASP A 223 -21.49 -2.09 -2.75
C ASP A 223 -20.72 -0.85 -3.21
N HIS A 224 -20.62 -0.68 -4.54
CA HIS A 224 -19.97 0.42 -5.27
C HIS A 224 -20.53 1.82 -4.93
N VAL A 225 -21.70 1.90 -4.28
CA VAL A 225 -22.30 3.17 -3.85
C VAL A 225 -21.82 3.56 -2.45
N ARG A 226 -21.69 2.59 -1.55
CA ARG A 226 -21.29 2.82 -0.16
C ARG A 226 -19.80 3.13 -0.03
N ILE A 227 -18.92 2.49 -0.84
CA ILE A 227 -17.49 2.77 -0.77
C ILE A 227 -17.15 4.07 -1.51
N GLU A 228 -17.90 4.39 -2.60
CA GLU A 228 -17.70 5.65 -3.33
C GLU A 228 -18.03 6.78 -2.38
N ALA A 229 -19.04 6.57 -1.51
CA ALA A 229 -19.48 7.52 -0.48
C ALA A 229 -18.36 7.78 0.54
N LEU A 230 -17.76 6.70 1.05
CA LEU A 230 -16.66 6.68 2.02
C LEU A 230 -15.41 7.35 1.46
N GLN A 231 -15.05 7.02 0.19
CA GLN A 231 -13.90 7.58 -0.53
C GLN A 231 -14.09 9.10 -0.73
N ASP A 232 -15.32 9.52 -1.04
CA ASP A 232 -15.63 10.93 -1.24
C ASP A 232 -15.57 11.69 0.08
N ARG A 233 -16.09 11.11 1.18
CA ARG A 233 -16.02 11.73 2.51
C ARG A 233 -14.56 11.93 2.94
N LEU A 234 -13.64 11.04 2.46
CA LEU A 234 -12.19 11.05 2.68
C LEU A 234 -11.48 12.06 1.76
N CYS A 235 -11.82 12.04 0.45
CA CYS A 235 -11.36 13.01 -0.55
C CYS A 235 -11.68 14.44 -0.05
N ASP A 236 -12.86 14.60 0.60
CA ASP A 236 -13.33 15.87 1.16
C ASP A 236 -12.44 16.36 2.29
N VAL A 237 -12.00 15.42 3.16
CA VAL A 237 -11.15 15.68 4.31
C VAL A 237 -9.78 16.13 3.80
N LEU A 238 -9.26 15.43 2.76
CA LEU A 238 -7.97 15.72 2.13
C LEU A 238 -7.92 17.13 1.52
N GLN A 239 -8.83 17.40 0.57
CA GLN A 239 -8.99 18.65 -0.17
C GLN A 239 -9.07 19.87 0.75
N ALA A 240 -9.84 19.76 1.87
CA ALA A 240 -9.99 20.79 2.89
C ALA A 240 -8.68 20.91 3.71
N TYR A 241 -8.08 19.77 4.11
CA TYR A 241 -6.81 19.74 4.84
C TYR A 241 -5.70 20.53 4.12
N ILE A 242 -5.50 20.27 2.82
CA ILE A 242 -4.44 20.92 2.02
C ILE A 242 -4.63 22.43 2.00
N ARG A 243 -5.84 22.90 1.69
CA ARG A 243 -6.20 24.31 1.58
C ARG A 243 -6.02 25.06 2.88
N ILE A 244 -6.37 24.44 4.00
CA ILE A 244 -6.29 25.05 5.34
C ILE A 244 -4.91 24.92 5.97
N GLN A 245 -4.32 23.72 5.95
CA GLN A 245 -3.07 23.40 6.63
C GLN A 245 -1.81 23.26 5.77
N HIS A 246 -1.90 23.36 4.43
CA HIS A 246 -0.69 23.17 3.61
C HIS A 246 -0.40 24.38 2.74
N PRO A 247 0.62 25.20 3.10
CA PRO A 247 0.93 26.37 2.26
C PRO A 247 1.63 25.92 0.98
N GLY A 248 1.25 26.55 -0.14
CA GLY A 248 1.74 26.21 -1.47
C GLY A 248 1.22 24.88 -2.01
N GLY A 249 0.06 24.44 -1.54
CA GLY A 249 -0.55 23.18 -1.96
C GLY A 249 -1.74 23.29 -2.90
N ARG A 250 -1.95 24.47 -3.45
CA ARG A 250 -3.04 24.85 -4.38
C ARG A 250 -3.28 23.83 -5.53
N LEU A 251 -2.25 23.06 -5.91
CA LEU A 251 -2.34 22.06 -6.98
C LEU A 251 -1.91 20.66 -6.48
N LEU A 252 -1.84 20.47 -5.15
CA LEU A 252 -1.42 19.20 -4.55
C LEU A 252 -2.47 18.11 -4.65
N TYR A 253 -3.75 18.40 -4.27
CA TYR A 253 -4.87 17.45 -4.34
C TYR A 253 -4.89 16.73 -5.68
N ALA A 254 -4.79 17.50 -6.77
CA ALA A 254 -4.77 17.06 -8.16
C ALA A 254 -3.56 16.17 -8.46
N LYS A 255 -2.35 16.61 -8.02
CA LYS A 255 -1.08 15.89 -8.20
C LYS A 255 -1.11 14.53 -7.59
N MET A 256 -1.80 14.39 -6.43
CA MET A 256 -1.99 13.17 -5.64
C MET A 256 -3.00 12.24 -6.26
N ILE A 257 -4.17 12.75 -6.72
CA ILE A 257 -5.20 11.94 -7.36
C ILE A 257 -4.61 11.25 -8.61
N GLN A 258 -3.72 11.99 -9.34
CA GLN A 258 -2.94 11.50 -10.48
C GLN A 258 -2.05 10.28 -10.06
N LYS A 259 -1.55 10.26 -8.80
CA LYS A 259 -0.75 9.15 -8.29
C LYS A 259 -1.60 7.89 -8.10
N LEU A 260 -2.93 8.04 -7.86
CA LEU A 260 -3.81 6.89 -7.72
C LEU A 260 -3.91 6.14 -9.05
N ALA A 261 -4.07 6.91 -10.15
CA ALA A 261 -4.11 6.43 -11.53
C ALA A 261 -2.77 5.78 -11.86
N ASP A 262 -1.64 6.43 -11.50
CA ASP A 262 -0.29 5.89 -11.70
C ASP A 262 -0.15 4.51 -11.10
N LEU A 263 -0.67 4.34 -9.86
CA LEU A 263 -0.64 3.11 -9.09
C LEU A 263 -1.39 1.99 -9.77
N ARG A 264 -2.50 2.33 -10.45
CA ARG A 264 -3.32 1.37 -11.19
C ARG A 264 -2.52 0.64 -12.29
N SER A 265 -1.64 1.41 -12.99
CA SER A 265 -0.68 0.95 -14.00
C SER A 265 0.43 0.09 -13.34
N LEU A 266 0.95 0.50 -12.16
CA LEU A 266 1.96 -0.25 -11.41
C LEU A 266 1.36 -1.57 -10.94
N ASN A 267 0.04 -1.55 -10.65
CA ASN A 267 -0.68 -2.71 -10.20
C ASN A 267 -0.79 -3.70 -11.34
N GLU A 268 -1.19 -3.27 -12.56
CA GLU A 268 -1.29 -4.16 -13.72
C GLU A 268 0.03 -4.87 -13.93
N GLU A 269 1.12 -4.08 -14.07
CA GLU A 269 2.46 -4.57 -14.29
C GLU A 269 2.91 -5.55 -13.21
N HIS A 270 2.54 -5.30 -11.94
CA HIS A 270 2.83 -6.23 -10.85
C HIS A 270 2.08 -7.55 -11.02
N SER A 271 0.77 -7.48 -11.30
CA SER A 271 -0.10 -8.63 -11.51
C SER A 271 0.41 -9.55 -12.62
N LYS A 272 0.95 -8.97 -13.71
CA LYS A 272 1.52 -9.73 -14.83
C LYS A 272 2.79 -10.47 -14.35
N GLN A 273 3.72 -9.75 -13.68
CA GLN A 273 4.97 -10.29 -13.15
C GLN A 273 4.72 -11.36 -12.10
N TYR A 274 3.72 -11.15 -11.23
CA TYR A 274 3.33 -12.11 -10.19
C TYR A 274 2.78 -13.37 -10.83
N ARG A 275 1.99 -13.23 -11.91
CA ARG A 275 1.40 -14.38 -12.62
C ARG A 275 2.51 -15.31 -13.12
N SER A 276 3.61 -14.73 -13.66
CA SER A 276 4.81 -15.45 -14.13
C SER A 276 5.42 -16.31 -13.01
N LEU A 277 5.56 -15.73 -11.79
CA LEU A 277 6.11 -16.40 -10.61
C LEU A 277 5.17 -17.45 -10.08
N SER A 278 3.89 -17.07 -9.88
CA SER A 278 2.86 -17.93 -9.30
C SER A 278 2.59 -19.21 -10.08
N PHE A 279 2.86 -19.22 -11.40
CA PHE A 279 2.63 -20.42 -12.20
C PHE A 279 3.79 -21.42 -12.10
N GLN A 280 5.03 -20.94 -11.85
CA GLN A 280 6.21 -21.78 -11.67
C GLN A 280 6.21 -22.24 -10.20
N PRO A 281 5.81 -23.50 -9.93
CA PRO A 281 5.74 -23.98 -8.54
C PRO A 281 7.01 -23.84 -7.72
N GLU A 282 8.19 -23.85 -8.36
CA GLU A 282 9.50 -23.73 -7.71
C GLU A 282 9.71 -22.33 -7.13
N HIS A 283 9.02 -21.32 -7.69
CA HIS A 283 9.02 -19.93 -7.21
C HIS A 283 7.84 -19.73 -6.25
N SER A 284 6.64 -20.21 -6.63
CA SER A 284 5.42 -20.07 -5.82
C SER A 284 5.62 -20.68 -4.39
N MET A 285 6.37 -21.76 -4.31
CA MET A 285 6.67 -22.41 -3.04
C MET A 285 7.44 -21.49 -2.06
N GLN A 286 8.17 -20.49 -2.58
CA GLN A 286 8.97 -19.53 -1.81
C GLN A 286 8.09 -18.43 -1.20
N LEU A 287 6.86 -18.28 -1.71
CA LEU A 287 5.89 -17.29 -1.21
C LEU A 287 5.27 -17.71 0.12
N THR A 288 4.39 -16.90 0.68
CA THR A 288 3.75 -17.28 1.94
C THR A 288 2.30 -17.58 1.68
N PRO A 289 1.60 -18.34 2.57
CA PRO A 289 0.17 -18.57 2.39
C PRO A 289 -0.66 -17.27 2.16
N LEU A 290 -0.38 -16.20 2.94
CA LEU A 290 -1.06 -14.89 2.87
C LEU A 290 -0.84 -14.18 1.52
N VAL A 291 0.43 -14.13 1.02
CA VAL A 291 0.74 -13.57 -0.30
C VAL A 291 -0.01 -14.35 -1.40
N LEU A 292 -0.01 -15.67 -1.32
CA LEU A 292 -0.69 -16.53 -2.28
C LEU A 292 -2.17 -16.27 -2.31
N GLU A 293 -2.76 -16.07 -1.13
CA GLU A 293 -4.17 -15.84 -0.93
C GLU A 293 -4.56 -14.46 -1.43
N VAL A 294 -3.80 -13.43 -1.04
CA VAL A 294 -4.09 -12.05 -1.40
C VAL A 294 -3.86 -11.79 -2.89
N PHE A 295 -2.82 -12.40 -3.49
CA PHE A 295 -2.56 -12.16 -4.91
C PHE A 295 -3.20 -13.21 -5.83
N GLY A 296 -3.77 -14.27 -5.26
CA GLY A 296 -4.43 -15.33 -6.01
C GLY A 296 -5.73 -14.90 -6.65
N SER A 297 -6.14 -15.66 -7.67
CA SER A 297 -7.32 -15.48 -8.51
C SER A 297 -8.64 -15.96 -7.88
N GLU A 298 -8.60 -16.75 -6.78
CA GLU A 298 -9.78 -17.29 -6.08
C GLU A 298 -10.83 -16.21 -5.79
N VAL A 299 -12.11 -16.59 -5.84
CA VAL A 299 -13.16 -15.60 -5.64
C VAL A 299 -14.01 -15.84 -4.39
N LYS B 1 -12.26 -20.49 0.56
CA LYS B 1 -11.66 -19.35 -0.17
C LYS B 1 -11.44 -18.15 0.76
N HIS B 2 -10.16 -17.70 0.87
CA HIS B 2 -9.69 -16.53 1.66
C HIS B 2 -9.84 -16.74 3.16
N LYS B 3 -9.39 -17.91 3.66
CA LYS B 3 -9.52 -18.25 5.08
C LYS B 3 -8.71 -17.36 6.00
N ILE B 4 -7.49 -16.96 5.58
CA ILE B 4 -6.58 -16.12 6.38
C ILE B 4 -7.10 -14.67 6.45
N LEU B 5 -7.49 -14.09 5.29
CA LEU B 5 -8.03 -12.74 5.14
C LEU B 5 -9.23 -12.55 6.06
N HIS B 6 -10.12 -13.53 6.06
CA HIS B 6 -11.27 -13.61 6.95
C HIS B 6 -10.86 -13.60 8.41
N ARG B 7 -9.90 -14.42 8.79
CA ARG B 7 -9.47 -14.49 10.20
C ARG B 7 -8.86 -13.18 10.65
N LEU B 8 -7.98 -12.60 9.80
CA LEU B 8 -7.27 -11.34 10.02
C LEU B 8 -8.22 -10.14 10.12
N LEU B 9 -9.31 -10.16 9.32
CA LEU B 9 -10.35 -9.14 9.32
C LEU B 9 -11.37 -9.31 10.49
N GLN B 10 -11.08 -10.17 11.48
CA GLN B 10 -11.99 -10.39 12.60
C GLN B 10 -11.22 -10.55 13.90
C1 6VH C . 6.81 -1.13 3.68
F1 6VH C . 7.44 -12.05 -4.94
O1 6VH C . 5.59 -1.72 4.08
C2 6VH C . 7.73 -1.22 4.88
F2 6VH C . 8.63 -10.36 -5.52
O2 6VH C . 8.67 0.78 4.01
C3 6VH C . 9.03 -0.53 4.52
F3 6VH C . 7.91 -10.60 -3.46
O3 6VH C . 6.06 -10.43 -6.56
C4 6VH C . 9.65 -1.37 3.41
F4 6VH C . 4.92 -12.00 -4.59
O4 6VH C . 5.69 -4.82 -9.99
C5 6VH C . 8.87 -1.25 2.10
F5 6VH C . 3.99 -10.06 -4.65
C6 6VH C . 9.47 -1.73 1.00
F6 6VH C . 5.42 -10.62 -3.01
C7 6VH C . 8.91 -1.98 -0.34
C8 6VH C . 9.54 -1.90 -1.52
C9 6VH C . 11.00 -2.34 -1.72
C10 6VH C . 7.38 -1.71 2.37
C11 6VH C . 11.25 -3.80 -1.95
C12 6VH C . 10.42 -4.33 -3.12
C13 6VH C . 8.90 -4.05 -3.00
C14 6VH C . 8.77 -2.48 -2.75
C15 6VH C . 7.26 -2.25 -2.95
C16 6VH C . 6.98 -3.08 -4.22
C17 6VH C . 8.15 -4.10 -4.39
C18 6VH C . 8.32 -5.01 -1.89
C20 6VH C . 7.90 -5.50 -5.04
C21 6VH C . 6.45 -6.02 -4.83
C22 6VH C . 6.37 -7.49 -4.82
C23 6VH C . 6.32 -8.64 -4.94
C24 6VH C . 6.27 -10.10 -5.19
C25 6VH C . 5.13 -10.70 -4.34
C26 6VH C . 7.59 -10.75 -4.76
C27 6VH C . 8.34 -5.56 -6.54
C28 6VH C . 7.31 -5.18 -7.62
C29 6VH C . 7.89 -4.98 -9.02
C30 6VH C . 7.03 -4.34 -10.14
C31 6VH C . 7.50 -4.82 -11.51
C32 6VH C . 6.97 -2.82 -10.12
C33 6VH C . 7.18 -3.02 2.31
#